data_5TXS
#
_entry.id   5TXS
#
_cell.length_a   50.442
_cell.length_b   82.186
_cell.length_c   109.847
_cell.angle_alpha   90.00
_cell.angle_beta   90.00
_cell.angle_gamma   90.00
#
_symmetry.space_group_name_H-M   'P 21 21 21'
#
loop_
_entity.id
_entity.type
_entity.pdbx_description
1 polymer 'HLA class I histocompatibility antigen, B-15 alpha chain'
2 polymer Beta-2-microglobulin
3 polymer 'anapestic lymphoma kinase-derived neuroblastoma tumor antigen'
4 water water
#
loop_
_entity_poly.entity_id
_entity_poly.type
_entity_poly.pdbx_seq_one_letter_code
_entity_poly.pdbx_strand_id
1 'polypeptide(L)'
;MGSHSMRYFYTAMSRPGRGEPRFIAVGYVDDTQFVRFDSDAASPRMAPRAPWIEQEGPEYWDRETQISKTNTQTYRESLR
NLRGYYNQSEAGSHTLQRMYGCDVGPDGRLLRGHDQSAYDGKDYIALNEDLSSWTAADTAAQITQRKWEAAREAEQWRAY
LEGLCVEWLRRYLENGKETLQRADPPKTHVTHHPISDHEATLRCWALGFYPAEITLTWQRDGEDQTQDTELVETRPAGDR
TFQKWAAVVVPSGEEQRYTCHVQHEGLPKPLTLRWEPSSQSGSLHHILDAQKMVWNHR
;
A
2 'polypeptide(L)'
;MIQRTPKIQVYSRHPAENGKSNFLNCYVSGFHPSDIEVDLLKNGERIEKVEHSDLSFSKDWSFYLLYYTEFTPTEKDEYA
CRVNHVTLSQPKIVKWDRDM
;
B
3 'polypeptide(L)' AQDIYRASY C
#
# COMPACT_ATOMS: atom_id res chain seq x y z
N GLY A 2 -4.98 6.87 -19.53
CA GLY A 2 -4.04 7.31 -18.44
C GLY A 2 -2.74 6.52 -18.46
N SER A 3 -1.90 6.77 -17.48
CA SER A 3 -0.64 6.04 -17.31
C SER A 3 -0.84 4.95 -16.30
N HIS A 4 0.00 3.92 -16.37
CA HIS A 4 -0.21 2.73 -15.56
C HIS A 4 1.08 2.09 -15.14
N SER A 5 1.02 1.32 -14.05
CA SER A 5 2.18 0.59 -13.57
C SER A 5 1.80 -0.83 -13.26
N MET A 6 2.79 -1.72 -13.44
CA MET A 6 2.77 -3.06 -12.81
C MET A 6 3.90 -3.13 -11.83
N ARG A 7 3.61 -3.70 -10.66
CA ARG A 7 4.61 -3.86 -9.62
C ARG A 7 4.46 -5.16 -8.94
N TYR A 8 5.60 -5.81 -8.68
CA TYR A 8 5.66 -6.93 -7.77
C TYR A 8 6.38 -6.49 -6.50
N PHE A 9 5.81 -6.95 -5.38
CA PHE A 9 6.30 -6.67 -4.03
C PHE A 9 6.64 -8.00 -3.34
N TYR A 10 7.92 -8.19 -3.05
CA TYR A 10 8.40 -9.37 -2.32
C TYR A 10 8.82 -8.99 -0.92
N THR A 11 8.37 -9.78 0.05
CA THR A 11 8.82 -9.63 1.44
C THR A 11 9.29 -10.97 2.00
N ALA A 12 10.49 -10.97 2.56
CA ALA A 12 11.04 -12.15 3.24
C ALA A 12 11.40 -11.78 4.65
N MET A 13 10.90 -12.55 5.62
CA MET A 13 11.02 -12.18 7.02
C MET A 13 11.54 -13.35 7.82
N SER A 14 12.74 -13.23 8.39
CA SER A 14 13.25 -14.31 9.26
C SER A 14 12.61 -14.23 10.65
N ARG A 15 12.62 -15.39 11.31
CA ARG A 15 11.95 -15.57 12.59
C ARG A 15 12.61 -16.71 13.33
N PRO A 16 13.85 -16.50 13.79
CA PRO A 16 14.63 -17.59 14.38
C PRO A 16 13.90 -18.24 15.55
N GLY A 17 13.82 -19.56 15.49
CA GLY A 17 13.13 -20.33 16.54
C GLY A 17 11.69 -20.59 16.19
N ARG A 18 11.22 -20.00 15.09
CA ARG A 18 9.86 -20.21 14.63
C ARG A 18 9.82 -20.61 13.17
N GLY A 19 10.78 -21.47 12.81
CA GLY A 19 10.82 -22.01 11.46
C GLY A 19 11.62 -21.15 10.51
N GLU A 20 11.47 -21.41 9.21
CA GLU A 20 12.25 -20.71 8.21
C GLU A 20 11.57 -19.41 7.82
N PRO A 21 12.33 -18.51 7.23
CA PRO A 21 11.70 -17.21 6.91
C PRO A 21 10.49 -17.31 6.00
N ARG A 22 9.44 -16.55 6.35
CA ARG A 22 8.25 -16.43 5.53
C ARG A 22 8.54 -15.60 4.28
N PHE A 23 8.01 -16.04 3.13
CA PHE A 23 8.12 -15.30 1.89
C PHE A 23 6.74 -15.02 1.34
N ILE A 24 6.50 -13.75 1.06
CA ILE A 24 5.23 -13.32 0.47
C ILE A 24 5.52 -12.56 -0.79
N ALA A 25 4.70 -12.78 -1.81
CA ALA A 25 4.82 -12.06 -3.09
C ALA A 25 3.44 -11.60 -3.47
N VAL A 26 3.27 -10.31 -3.76
N VAL A 26 3.33 -10.34 -3.86
CA VAL A 26 2.01 -9.81 -4.32
CA VAL A 26 2.08 -9.78 -4.32
C VAL A 26 2.30 -8.98 -5.56
C VAL A 26 2.32 -8.97 -5.58
N GLY A 27 1.37 -9.05 -6.50
CA GLY A 27 1.45 -8.28 -7.72
C GLY A 27 0.30 -7.32 -7.82
N TYR A 28 0.59 -6.14 -8.36
CA TYR A 28 -0.35 -5.04 -8.53
C TYR A 28 -0.30 -4.49 -9.96
N VAL A 29 -1.48 -4.06 -10.44
CA VAL A 29 -1.55 -3.13 -11.56
C VAL A 29 -2.17 -1.87 -10.97
N ASP A 30 -1.42 -0.78 -10.99
CA ASP A 30 -1.81 0.45 -10.29
C ASP A 30 -2.16 0.10 -8.84
N ASP A 31 -3.36 0.48 -8.38
CA ASP A 31 -3.77 0.20 -7.02
C ASP A 31 -4.63 -1.06 -6.89
N THR A 32 -4.55 -1.95 -7.87
CA THR A 32 -5.32 -3.17 -7.88
C THR A 32 -4.40 -4.38 -7.72
N GLN A 33 -4.54 -5.08 -6.58
CA GLN A 33 -3.84 -6.33 -6.37
C GLN A 33 -4.41 -7.40 -7.29
N PHE A 34 -3.56 -8.22 -7.91
CA PHE A 34 -4.10 -9.23 -8.84
C PHE A 34 -3.55 -10.62 -8.59
N VAL A 35 -2.45 -10.74 -7.84
CA VAL A 35 -1.97 -12.08 -7.47
C VAL A 35 -1.32 -12.04 -6.09
N ARG A 36 -1.37 -13.19 -5.40
CA ARG A 36 -0.70 -13.33 -4.13
C ARG A 36 -0.11 -14.73 -3.94
N PHE A 37 1.03 -14.75 -3.25
CA PHE A 37 1.67 -15.98 -2.77
C PHE A 37 2.14 -15.81 -1.33
N ASP A 38 1.97 -16.86 -0.53
CA ASP A 38 2.41 -16.84 0.87
C ASP A 38 2.99 -18.22 1.19
N SER A 39 4.28 -18.31 1.54
CA SER A 39 4.89 -19.59 1.82
C SER A 39 4.29 -20.26 3.07
N ASP A 40 3.59 -19.50 3.90
CA ASP A 40 2.95 -20.06 5.10
C ASP A 40 1.57 -20.62 4.78
N ALA A 41 1.10 -20.47 3.55
CA ALA A 41 -0.21 -21.03 3.21
C ALA A 41 -0.18 -22.55 3.29
N ALA A 42 -1.35 -23.16 3.52
CA ALA A 42 -1.40 -24.61 3.66
C ALA A 42 -0.86 -25.30 2.40
N SER A 43 -1.27 -24.80 1.24
CA SER A 43 -0.76 -25.26 -0.04
C SER A 43 -0.26 -24.06 -0.86
N PRO A 44 1.03 -23.71 -0.70
CA PRO A 44 1.48 -22.47 -1.33
C PRO A 44 1.32 -22.47 -2.85
N ARG A 45 0.69 -21.42 -3.35
CA ARG A 45 0.41 -21.32 -4.77
C ARG A 45 0.22 -19.87 -5.06
N MET A 46 0.68 -19.44 -6.22
CA MET A 46 0.36 -18.09 -6.63
C MET A 46 -1.11 -18.12 -7.02
N ALA A 47 -1.90 -17.28 -6.38
CA ALA A 47 -3.35 -17.32 -6.52
C ALA A 47 -3.90 -16.01 -7.08
N PRO A 48 -5.00 -16.07 -7.83
CA PRO A 48 -5.61 -14.84 -8.37
C PRO A 48 -6.30 -14.01 -7.31
N ARG A 49 -6.25 -12.69 -7.48
CA ARG A 49 -6.93 -11.73 -6.59
C ARG A 49 -7.73 -10.67 -7.35
N ALA A 50 -7.79 -10.77 -8.67
CA ALA A 50 -8.67 -9.94 -9.49
C ALA A 50 -9.33 -10.81 -10.55
N PRO A 51 -10.58 -10.52 -10.89
CA PRO A 51 -11.27 -11.42 -11.82
C PRO A 51 -10.60 -11.54 -13.19
N TRP A 52 -9.99 -10.46 -13.68
CA TRP A 52 -9.45 -10.48 -15.04
C TRP A 52 -8.18 -11.34 -15.17
N ILE A 53 -7.54 -11.72 -14.07
CA ILE A 53 -6.39 -12.63 -14.16
C ILE A 53 -6.83 -14.10 -14.17
N GLU A 54 -8.06 -14.37 -13.79
CA GLU A 54 -8.50 -15.74 -13.64
C GLU A 54 -8.52 -16.49 -14.97
N GLN A 55 -8.67 -15.75 -16.06
CA GLN A 55 -8.67 -16.38 -17.38
C GLN A 55 -7.31 -16.89 -17.84
N GLU A 56 -6.23 -16.54 -17.14
CA GLU A 56 -4.93 -17.11 -17.50
C GLU A 56 -5.00 -18.62 -17.26
N GLY A 57 -4.34 -19.37 -18.12
CA GLY A 57 -4.43 -20.81 -18.07
C GLY A 57 -3.53 -21.46 -17.02
N PRO A 58 -3.64 -22.77 -16.90
CA PRO A 58 -2.81 -23.51 -15.95
C PRO A 58 -1.32 -23.30 -16.11
N GLU A 59 -0.84 -23.07 -17.34
CA GLU A 59 0.57 -22.92 -17.55
C GLU A 59 1.05 -21.64 -16.88
N TYR A 60 0.19 -20.62 -16.90
CA TYR A 60 0.47 -19.34 -16.23
C TYR A 60 0.63 -19.56 -14.72
N TRP A 61 -0.33 -20.25 -14.10
CA TRP A 61 -0.31 -20.44 -12.65
C TRP A 61 0.87 -21.34 -12.28
N ASP A 62 1.16 -22.32 -13.11
CA ASP A 62 2.28 -23.20 -12.82
C ASP A 62 3.60 -22.40 -12.80
N ARG A 63 3.78 -21.51 -13.78
N ARG A 63 3.76 -21.50 -13.76
CA ARG A 63 5.03 -20.74 -13.87
CA ARG A 63 5.02 -20.78 -13.87
C ARG A 63 5.15 -19.82 -12.67
C ARG A 63 5.17 -19.77 -12.72
N GLU A 64 4.09 -19.07 -12.41
CA GLU A 64 4.12 -18.06 -11.35
C GLU A 64 4.34 -18.71 -9.99
N THR A 65 3.74 -19.89 -9.80
CA THR A 65 3.96 -20.64 -8.57
C THR A 65 5.38 -21.15 -8.47
N GLN A 66 5.91 -21.68 -9.57
CA GLN A 66 7.29 -22.18 -9.55
C GLN A 66 8.28 -21.05 -9.17
N ILE A 67 8.10 -19.89 -9.77
CA ILE A 67 8.96 -18.73 -9.49
C ILE A 67 8.91 -18.38 -7.99
N SER A 68 7.70 -18.37 -7.45
CA SER A 68 7.51 -18.02 -6.04
C SER A 68 8.09 -19.05 -5.11
N LYS A 69 8.00 -20.33 -5.49
CA LYS A 69 8.53 -21.39 -4.67
C LYS A 69 10.05 -21.36 -4.71
N THR A 70 10.62 -21.04 -5.86
CA THR A 70 12.06 -20.86 -5.95
C THR A 70 12.50 -19.69 -5.09
N ASN A 71 11.79 -18.56 -5.22
CA ASN A 71 12.16 -17.38 -4.43
C ASN A 71 12.01 -17.61 -2.94
N THR A 72 11.03 -18.41 -2.51
CA THR A 72 10.96 -18.75 -1.10
C THR A 72 12.31 -19.30 -0.63
N GLN A 73 12.89 -20.20 -1.40
CA GLN A 73 14.18 -20.79 -1.06
C GLN A 73 15.30 -19.79 -1.19
N THR A 74 15.34 -19.09 -2.32
CA THR A 74 16.50 -18.26 -2.54
C THR A 74 16.52 -17.02 -1.65
N TYR A 75 15.35 -16.49 -1.28
CA TYR A 75 15.34 -15.30 -0.40
C TYR A 75 15.77 -15.72 1.01
N ARG A 76 15.65 -17.00 1.35
CA ARG A 76 16.21 -17.47 2.61
C ARG A 76 17.72 -17.48 2.55
N GLU A 77 18.30 -17.86 1.41
CA GLU A 77 19.73 -17.73 1.21
C GLU A 77 20.15 -16.27 1.29
N SER A 78 19.38 -15.41 0.64
CA SER A 78 19.74 -14.01 0.60
C SER A 78 19.73 -13.42 2.01
N LEU A 79 18.72 -13.76 2.82
CA LEU A 79 18.69 -13.30 4.21
C LEU A 79 19.91 -13.77 5.03
N ARG A 80 20.34 -15.02 4.84
CA ARG A 80 21.57 -15.54 5.45
C ARG A 80 22.77 -14.71 5.00
N ASN A 81 22.84 -14.42 3.70
CA ASN A 81 23.94 -13.60 3.16
C ASN A 81 23.94 -12.22 3.80
N LEU A 82 22.77 -11.57 3.84
CA LEU A 82 22.70 -10.22 4.37
C LEU A 82 23.04 -10.19 5.86
N ARG A 83 22.62 -11.19 6.59
CA ARG A 83 23.01 -11.27 8.00
C ARG A 83 24.52 -11.23 8.15
N GLY A 84 25.19 -12.00 7.32
CA GLY A 84 26.64 -11.99 7.33
C GLY A 84 27.25 -10.69 6.91
N TYR A 85 26.70 -10.06 5.86
CA TYR A 85 27.20 -8.79 5.37
C TYR A 85 27.21 -7.71 6.44
N TYR A 86 26.32 -7.82 7.43
CA TYR A 86 26.21 -6.83 8.49
C TYR A 86 26.69 -7.36 9.85
N ASN A 87 27.34 -8.50 9.80
CA ASN A 87 27.90 -9.18 11.00
C ASN A 87 26.83 -9.37 12.08
N GLN A 88 25.64 -9.73 11.66
CA GLN A 88 24.55 -9.84 12.58
C GLN A 88 24.41 -11.23 13.20
N SER A 89 23.86 -11.24 14.40
N SER A 89 23.89 -11.27 14.42
CA SER A 89 23.58 -12.46 15.14
CA SER A 89 23.69 -12.53 15.13
C SER A 89 22.52 -13.31 14.48
C SER A 89 22.53 -13.31 14.53
N GLU A 90 22.56 -14.62 14.71
CA GLU A 90 21.52 -15.49 14.22
C GLU A 90 20.26 -15.37 15.03
N ALA A 91 20.30 -14.59 16.10
CA ALA A 91 19.19 -14.53 17.05
C ALA A 91 18.09 -13.58 16.62
N GLY A 92 18.44 -12.65 15.74
CA GLY A 92 17.53 -11.56 15.43
C GLY A 92 16.69 -11.84 14.20
N SER A 93 15.51 -11.21 14.17
CA SER A 93 14.63 -11.19 13.01
C SER A 93 14.95 -10.05 12.06
N HIS A 94 14.94 -10.34 10.76
CA HIS A 94 15.27 -9.34 9.75
C HIS A 94 14.33 -9.48 8.57
N THR A 95 14.26 -8.39 7.80
CA THR A 95 13.33 -8.30 6.68
C THR A 95 14.06 -7.87 5.41
N LEU A 96 13.76 -8.54 4.30
CA LEU A 96 14.26 -8.18 2.99
C LEU A 96 13.05 -7.93 2.10
N GLN A 97 13.01 -6.74 1.51
CA GLN A 97 11.92 -6.36 0.61
C GLN A 97 12.44 -6.02 -0.77
N ARG A 98 11.70 -6.39 -1.79
CA ARG A 98 11.98 -6.03 -3.18
C ARG A 98 10.71 -5.50 -3.84
N MET A 99 10.88 -4.41 -4.60
N MET A 99 10.86 -4.48 -4.69
CA MET A 99 9.86 -3.84 -5.49
CA MET A 99 9.74 -3.92 -5.46
C MET A 99 10.42 -3.86 -6.90
C MET A 99 10.25 -3.66 -6.87
N TYR A 100 9.64 -4.29 -7.87
CA TYR A 100 10.07 -4.11 -9.24
C TYR A 100 8.89 -4.07 -10.21
N GLY A 101 9.14 -3.49 -11.37
CA GLY A 101 8.14 -3.45 -12.40
C GLY A 101 8.31 -2.29 -13.33
N CYS A 102 7.26 -2.01 -14.10
CA CYS A 102 7.35 -1.06 -15.19
C CYS A 102 6.19 -0.09 -15.20
N ASP A 103 6.43 1.08 -15.75
CA ASP A 103 5.41 2.10 -15.95
C ASP A 103 5.23 2.34 -17.44
N VAL A 104 3.99 2.48 -17.90
CA VAL A 104 3.71 2.87 -19.29
C VAL A 104 2.79 4.07 -19.33
N GLY A 105 2.83 4.78 -20.46
CA GLY A 105 1.93 5.89 -20.66
C GLY A 105 0.67 5.47 -21.37
N PRO A 106 -0.14 6.45 -21.75
CA PRO A 106 -1.42 6.21 -22.44
C PRO A 106 -1.31 5.37 -23.71
N ASP A 107 -0.19 5.47 -24.40
CA ASP A 107 0.04 4.71 -25.61
C ASP A 107 0.62 3.33 -25.36
N GLY A 108 0.78 2.95 -24.08
CA GLY A 108 1.24 1.60 -23.76
C GLY A 108 2.75 1.51 -23.81
N ARG A 109 3.44 2.59 -24.11
CA ARG A 109 4.88 2.52 -24.25
C ARG A 109 5.56 2.70 -22.90
N LEU A 110 6.72 2.06 -22.76
CA LEU A 110 7.52 2.16 -21.56
C LEU A 110 7.85 3.61 -21.22
N LEU A 111 7.57 3.97 -19.97
CA LEU A 111 8.03 5.23 -19.40
C LEU A 111 9.34 4.98 -18.68
N ARG A 112 9.36 4.02 -17.76
CA ARG A 112 10.59 3.60 -17.10
C ARG A 112 10.38 2.28 -16.37
N GLY A 113 11.49 1.64 -15.99
CA GLY A 113 11.47 0.41 -15.20
C GLY A 113 12.03 0.65 -13.81
N HIS A 114 11.79 -0.31 -12.91
CA HIS A 114 12.17 -0.23 -11.52
C HIS A 114 12.60 -1.57 -11.01
N ASP A 115 13.64 -1.59 -10.18
CA ASP A 115 13.96 -2.75 -9.35
C ASP A 115 14.76 -2.29 -8.17
N GLN A 116 14.13 -2.26 -7.02
CA GLN A 116 14.88 -1.86 -5.83
C GLN A 116 14.52 -2.64 -4.59
N SER A 117 15.43 -2.59 -3.63
CA SER A 117 15.36 -3.43 -2.45
C SER A 117 15.71 -2.69 -1.18
N ALA A 118 15.20 -3.21 -0.08
CA ALA A 118 15.47 -2.66 1.26
C ALA A 118 15.74 -3.78 2.23
N TYR A 119 16.61 -3.52 3.20
CA TYR A 119 16.88 -4.47 4.25
C TYR A 119 16.59 -3.81 5.59
N ASP A 120 15.78 -4.49 6.41
CA ASP A 120 15.25 -3.90 7.65
C ASP A 120 14.70 -2.48 7.47
N GLY A 121 14.00 -2.28 6.38
CA GLY A 121 13.35 -1.01 6.08
C GLY A 121 14.21 0.10 5.55
N LYS A 122 15.51 -0.19 5.36
CA LYS A 122 16.45 0.81 4.87
C LYS A 122 16.83 0.48 3.44
N ASP A 123 16.82 1.50 2.59
CA ASP A 123 17.23 1.28 1.19
C ASP A 123 18.57 0.58 1.13
N TYR A 124 18.62 -0.43 0.28
CA TYR A 124 19.77 -1.33 0.14
C TYR A 124 20.44 -1.23 -1.22
N ILE A 125 19.71 -1.53 -2.28
CA ILE A 125 20.28 -1.40 -3.63
C ILE A 125 19.13 -1.07 -4.58
N ALA A 126 19.44 -0.35 -5.64
CA ALA A 126 18.42 0.00 -6.64
C ALA A 126 19.04 0.00 -8.01
N LEU A 127 18.27 -0.48 -8.98
CA LEU A 127 18.65 -0.38 -10.36
C LEU A 127 18.39 1.05 -10.81
N ASN A 128 19.38 1.65 -11.45
CA ASN A 128 19.22 3.02 -11.92
C ASN A 128 18.25 3.09 -13.09
N GLU A 129 17.74 4.28 -13.36
CA GLU A 129 16.77 4.44 -14.44
C GLU A 129 17.32 4.03 -15.81
N ASP A 130 18.65 4.04 -15.95
CA ASP A 130 19.29 3.54 -17.18
C ASP A 130 19.17 2.02 -17.40
N LEU A 131 18.70 1.31 -16.37
CA LEU A 131 18.59 -0.15 -16.41
C LEU A 131 19.90 -0.81 -16.78
N SER A 132 21.01 -0.17 -16.40
N SER A 132 21.00 -0.17 -16.39
CA SER A 132 22.32 -0.70 -16.75
CA SER A 132 22.33 -0.65 -16.75
C SER A 132 23.34 -0.60 -15.63
C SER A 132 23.29 -0.71 -15.58
N SER A 133 22.95 -0.04 -14.50
CA SER A 133 23.85 0.16 -13.36
C SER A 133 23.05 0.24 -12.06
N TRP A 134 23.74 0.11 -10.93
CA TRP A 134 23.10 0.15 -9.63
C TRP A 134 23.62 1.22 -8.74
N THR A 135 22.77 1.62 -7.81
CA THR A 135 23.15 2.42 -6.69
C THR A 135 23.07 1.56 -5.43
N ALA A 136 24.24 1.33 -4.81
CA ALA A 136 24.35 0.58 -3.56
C ALA A 136 24.44 1.51 -2.36
N ALA A 137 23.70 1.21 -1.32
CA ALA A 137 23.56 2.12 -0.20
C ALA A 137 24.81 2.13 0.70
N ASP A 138 25.55 1.04 0.75
CA ASP A 138 26.62 0.90 1.72
C ASP A 138 27.52 -0.23 1.28
N THR A 139 28.56 -0.52 2.07
CA THR A 139 29.56 -1.49 1.64
C THR A 139 29.02 -2.92 1.60
N ALA A 140 27.93 -3.18 2.33
CA ALA A 140 27.28 -4.48 2.26
C ALA A 140 26.61 -4.65 0.89
N ALA A 141 25.84 -3.64 0.52
CA ALA A 141 25.14 -3.68 -0.75
C ALA A 141 26.11 -3.67 -1.91
N GLN A 142 27.32 -3.14 -1.70
CA GLN A 142 28.37 -3.25 -2.72
C GLN A 142 28.74 -4.69 -3.04
N ILE A 143 28.70 -5.60 -2.05
CA ILE A 143 28.91 -7.03 -2.30
C ILE A 143 27.86 -7.58 -3.25
N THR A 144 26.61 -7.25 -2.96
CA THR A 144 25.51 -7.62 -3.87
C THR A 144 25.71 -7.02 -5.26
N GLN A 145 26.06 -5.73 -5.30
CA GLN A 145 26.30 -5.06 -6.59
C GLN A 145 27.36 -5.79 -7.43
N ARG A 146 28.50 -6.08 -6.82
CA ARG A 146 29.57 -6.73 -7.55
C ARG A 146 29.15 -8.10 -8.05
N LYS A 147 28.40 -8.83 -7.22
CA LYS A 147 27.89 -10.14 -7.55
C LYS A 147 26.91 -10.04 -8.74
N TRP A 148 26.04 -9.05 -8.70
CA TRP A 148 25.08 -8.89 -9.79
C TRP A 148 25.71 -8.36 -11.06
N GLU A 149 26.73 -7.51 -10.91
CA GLU A 149 27.48 -7.04 -12.08
C GLU A 149 28.18 -8.22 -12.76
N ALA A 150 28.76 -9.11 -11.98
CA ALA A 150 29.49 -10.26 -12.50
C ALA A 150 28.56 -11.19 -13.27
N ALA A 151 27.31 -11.25 -12.86
CA ALA A 151 26.31 -12.15 -13.44
C ALA A 151 25.50 -11.46 -14.55
N ARG A 152 25.87 -10.24 -14.90
CA ARG A 152 25.20 -9.47 -15.94
C ARG A 152 23.70 -9.35 -15.63
N GLU A 153 23.40 -9.06 -14.36
CA GLU A 153 22.01 -8.94 -13.96
C GLU A 153 21.30 -7.74 -14.57
N ALA A 154 22.00 -6.62 -14.72
CA ALA A 154 21.31 -5.42 -15.19
C ALA A 154 20.79 -5.64 -16.59
N GLU A 155 21.58 -6.30 -17.43
CA GLU A 155 21.15 -6.61 -18.80
C GLU A 155 19.89 -7.47 -18.83
N GLN A 156 19.79 -8.41 -17.91
N GLN A 156 19.82 -8.43 -17.92
CA GLN A 156 18.64 -9.30 -17.89
CA GLN A 156 18.65 -9.30 -17.82
C GLN A 156 17.42 -8.59 -17.28
C GLN A 156 17.45 -8.50 -17.37
N TRP A 157 17.62 -7.68 -16.33
CA TRP A 157 16.54 -6.84 -15.85
C TRP A 157 16.05 -5.91 -16.94
N ARG A 158 16.97 -5.32 -17.71
CA ARG A 158 16.56 -4.42 -18.78
C ARG A 158 15.69 -5.18 -19.77
N ALA A 159 16.10 -6.41 -20.12
CA ALA A 159 15.35 -7.21 -21.09
C ALA A 159 13.94 -7.52 -20.57
N TYR A 160 13.81 -7.87 -19.29
CA TYR A 160 12.49 -8.09 -18.72
C TYR A 160 11.66 -6.82 -18.68
N LEU A 161 12.25 -5.74 -18.19
CA LEU A 161 11.48 -4.51 -17.97
C LEU A 161 11.00 -3.88 -19.25
N GLU A 162 11.81 -3.93 -20.33
CA GLU A 162 11.44 -3.40 -21.62
C GLU A 162 10.61 -4.33 -22.49
N GLY A 163 10.54 -5.60 -22.09
CA GLY A 163 9.93 -6.66 -22.88
C GLY A 163 8.72 -7.26 -22.19
N LEU A 164 8.94 -8.39 -21.52
CA LEU A 164 7.83 -9.11 -20.90
C LEU A 164 7.04 -8.25 -19.92
N CYS A 165 7.72 -7.38 -19.15
CA CYS A 165 7.00 -6.59 -18.14
C CYS A 165 5.94 -5.75 -18.84
N VAL A 166 6.35 -5.02 -19.88
N VAL A 166 6.32 -5.00 -19.87
CA VAL A 166 5.41 -4.12 -20.56
CA VAL A 166 5.34 -4.12 -20.52
C VAL A 166 4.36 -4.91 -21.35
C VAL A 166 4.33 -4.92 -21.35
N GLU A 167 4.74 -6.05 -21.91
CA GLU A 167 3.82 -6.88 -22.69
C GLU A 167 2.70 -7.43 -21.82
N TRP A 168 3.07 -7.99 -20.66
CA TRP A 168 2.08 -8.47 -19.71
C TRP A 168 1.21 -7.33 -19.20
N LEU A 169 1.82 -6.20 -18.85
CA LEU A 169 1.02 -5.08 -18.34
C LEU A 169 -0.01 -4.63 -19.39
N ARG A 170 0.38 -4.51 -20.65
CA ARG A 170 -0.58 -4.18 -21.71
C ARG A 170 -1.70 -5.22 -21.82
N ARG A 171 -1.35 -6.50 -21.70
CA ARG A 171 -2.35 -7.58 -21.73
C ARG A 171 -3.34 -7.45 -20.58
N TYR A 172 -2.81 -7.25 -19.38
CA TYR A 172 -3.67 -7.09 -18.21
C TYR A 172 -4.59 -5.87 -18.32
N LEU A 173 -4.05 -4.77 -18.81
CA LEU A 173 -4.84 -3.54 -18.96
C LEU A 173 -5.99 -3.76 -19.94
N GLU A 174 -5.76 -4.53 -20.99
CA GLU A 174 -6.83 -4.82 -21.94
C GLU A 174 -7.82 -5.82 -21.33
N ASN A 175 -7.34 -6.90 -20.74
CA ASN A 175 -8.26 -7.89 -20.17
C ASN A 175 -9.06 -7.36 -19.01
N GLY A 176 -8.50 -6.40 -18.28
CA GLY A 176 -9.19 -5.74 -17.19
C GLY A 176 -9.64 -4.31 -17.47
N LYS A 177 -9.90 -3.97 -18.74
CA LYS A 177 -10.02 -2.56 -19.11
C LYS A 177 -11.22 -1.89 -18.43
N GLU A 178 -12.27 -2.68 -18.15
CA GLU A 178 -13.49 -2.13 -17.57
C GLU A 178 -13.28 -1.57 -16.17
N THR A 179 -12.25 -2.07 -15.49
CA THR A 179 -11.90 -1.55 -14.17
C THR A 179 -10.54 -0.85 -14.14
N LEU A 180 -9.53 -1.49 -14.68
CA LEU A 180 -8.19 -0.91 -14.62
C LEU A 180 -8.06 0.42 -15.38
N GLN A 181 -8.79 0.57 -16.46
CA GLN A 181 -8.75 1.79 -17.23
C GLN A 181 -10.03 2.62 -17.03
N ARG A 182 -10.64 2.46 -15.87
CA ARG A 182 -11.76 3.30 -15.44
C ARG A 182 -11.36 4.07 -14.19
N ALA A 183 -11.37 5.39 -14.27
CA ALA A 183 -11.12 6.22 -13.11
C ALA A 183 -12.46 6.66 -12.54
N ASP A 184 -12.65 6.37 -11.26
CA ASP A 184 -13.89 6.72 -10.56
C ASP A 184 -13.67 8.00 -9.77
N PRO A 185 -14.40 9.06 -10.10
CA PRO A 185 -14.16 10.33 -9.42
C PRO A 185 -14.54 10.30 -7.95
N PRO A 186 -13.95 11.20 -7.16
CA PRO A 186 -14.36 11.31 -5.76
C PRO A 186 -15.75 11.93 -5.63
N LYS A 187 -16.51 11.42 -4.69
CA LYS A 187 -17.76 12.03 -4.24
C LYS A 187 -17.36 12.99 -3.14
N THR A 188 -17.73 14.27 -3.25
CA THR A 188 -17.17 15.28 -2.35
C THR A 188 -18.26 16.04 -1.56
N HIS A 189 -17.91 16.43 -0.34
CA HIS A 189 -18.77 17.27 0.51
C HIS A 189 -17.94 17.90 1.61
N VAL A 190 -18.49 18.97 2.19
CA VAL A 190 -17.81 19.68 3.28
C VAL A 190 -18.67 19.58 4.52
N THR A 191 -18.07 19.14 5.61
CA THR A 191 -18.76 19.11 6.90
C THR A 191 -18.18 20.16 7.83
N HIS A 192 -18.97 20.51 8.86
CA HIS A 192 -18.68 21.60 9.78
C HIS A 192 -18.80 21.06 11.20
N HIS A 193 -17.73 21.18 11.98
CA HIS A 193 -17.69 20.64 13.33
C HIS A 193 -17.26 21.72 14.33
N PRO A 194 -18.21 22.36 15.04
CA PRO A 194 -17.82 23.33 16.07
C PRO A 194 -16.83 22.77 17.07
N ILE A 195 -15.84 23.58 17.39
CA ILE A 195 -14.84 23.23 18.38
C ILE A 195 -15.14 23.95 19.67
N SER A 196 -15.55 25.19 19.51
CA SER A 196 -15.79 26.07 20.64
C SER A 196 -16.68 27.19 20.13
N ASP A 197 -16.95 28.16 20.98
CA ASP A 197 -17.70 29.33 20.52
C ASP A 197 -16.94 30.10 19.44
N HIS A 198 -15.61 29.96 19.44
CA HIS A 198 -14.73 30.82 18.65
C HIS A 198 -14.33 30.20 17.31
N GLU A 199 -14.38 28.87 17.21
CA GLU A 199 -13.78 28.16 16.05
C GLU A 199 -14.56 26.91 15.71
N ALA A 200 -14.45 26.50 14.46
CA ALA A 200 -14.98 25.23 14.02
C ALA A 200 -14.05 24.60 13.03
N THR A 201 -14.17 23.29 12.88
CA THR A 201 -13.47 22.57 11.83
C THR A 201 -14.30 22.50 10.55
N LEU A 202 -13.69 22.84 9.40
CA LEU A 202 -14.27 22.45 8.10
C LEU A 202 -13.48 21.27 7.57
N ARG A 203 -14.19 20.19 7.24
CA ARG A 203 -13.57 18.98 6.76
C ARG A 203 -14.08 18.73 5.35
N CYS A 204 -13.14 18.67 4.41
CA CYS A 204 -13.43 18.43 2.98
C CYS A 204 -13.20 16.94 2.70
N TRP A 205 -14.27 16.24 2.32
CA TRP A 205 -14.25 14.80 2.04
C TRP A 205 -14.20 14.44 0.57
N ALA A 206 -13.41 13.40 0.29
CA ALA A 206 -13.42 12.73 -0.99
C ALA A 206 -13.61 11.23 -0.76
N LEU A 207 -14.67 10.66 -1.36
CA LEU A 207 -14.99 9.24 -1.15
C LEU A 207 -15.23 8.52 -2.46
N GLY A 208 -14.95 7.21 -2.46
CA GLY A 208 -15.33 6.36 -3.56
C GLY A 208 -14.49 6.51 -4.82
N PHE A 209 -13.27 7.05 -4.69
CA PHE A 209 -12.45 7.29 -5.88
C PHE A 209 -11.42 6.19 -6.15
N TYR A 210 -11.08 6.06 -7.43
CA TYR A 210 -10.07 5.11 -7.91
C TYR A 210 -9.47 5.72 -9.16
N PRO A 211 -8.13 5.76 -9.29
CA PRO A 211 -7.10 5.22 -8.40
C PRO A 211 -6.92 6.11 -7.16
N ALA A 212 -5.95 5.74 -6.33
CA ALA A 212 -5.78 6.44 -5.06
C ALA A 212 -5.24 7.85 -5.15
N GLU A 213 -4.41 8.10 -6.17
CA GLU A 213 -3.82 9.44 -6.40
C GLU A 213 -4.91 10.52 -6.45
N ILE A 214 -4.77 11.53 -5.60
CA ILE A 214 -5.72 12.62 -5.49
C ILE A 214 -5.01 13.82 -4.87
N THR A 215 -5.54 15.02 -5.14
CA THR A 215 -5.04 16.22 -4.53
C THR A 215 -6.22 16.90 -3.89
N LEU A 216 -6.10 17.12 -2.59
CA LEU A 216 -7.16 17.71 -1.79
C LEU A 216 -6.54 18.83 -0.97
N THR A 217 -6.97 20.08 -1.22
CA THR A 217 -6.39 21.25 -0.55
C THR A 217 -7.45 22.26 -0.13
N TRP A 218 -7.09 23.08 0.86
CA TRP A 218 -7.92 24.18 1.32
C TRP A 218 -7.22 25.49 1.00
N GLN A 219 -8.00 26.45 0.58
CA GLN A 219 -7.51 27.82 0.43
C GLN A 219 -8.28 28.76 1.31
N ARG A 220 -7.64 29.84 1.75
N ARG A 220 -7.63 29.83 1.77
CA ARG A 220 -8.29 30.92 2.49
CA ARG A 220 -8.31 30.91 2.47
C ARG A 220 -8.03 32.18 1.72
C ARG A 220 -8.02 32.16 1.69
N ASP A 221 -9.09 32.81 1.23
CA ASP A 221 -8.98 33.98 0.37
C ASP A 221 -8.11 33.67 -0.84
N GLY A 222 -8.19 32.43 -1.35
CA GLY A 222 -7.40 32.03 -2.49
C GLY A 222 -5.96 31.69 -2.23
N GLU A 223 -5.51 31.74 -0.98
CA GLU A 223 -4.15 31.27 -0.64
C GLU A 223 -4.16 29.87 -0.08
N ASP A 224 -3.29 28.98 -0.56
CA ASP A 224 -3.20 27.63 -0.01
C ASP A 224 -2.85 27.64 1.48
N GLN A 225 -3.49 26.76 2.22
CA GLN A 225 -3.34 26.67 3.66
C GLN A 225 -2.56 25.42 4.04
N THR A 226 -1.43 25.20 3.37
CA THR A 226 -0.74 23.93 3.50
C THR A 226 -0.34 23.65 4.93
N GLN A 227 0.27 24.63 5.58
CA GLN A 227 0.76 24.43 6.92
C GLN A 227 -0.36 24.23 7.94
N ASP A 228 -1.54 24.76 7.64
CA ASP A 228 -2.65 24.75 8.59
C ASP A 228 -3.74 23.73 8.23
N THR A 229 -3.46 22.89 7.25
CA THR A 229 -4.37 21.81 6.89
C THR A 229 -3.96 20.48 7.50
N GLU A 230 -4.89 19.84 8.20
CA GLU A 230 -4.73 18.42 8.59
C GLU A 230 -5.20 17.52 7.45
N LEU A 231 -4.27 16.75 6.93
CA LEU A 231 -4.51 15.90 5.77
C LEU A 231 -4.31 14.44 6.16
N VAL A 232 -5.36 13.64 6.25
CA VAL A 232 -5.16 12.20 6.53
C VAL A 232 -4.66 11.42 5.32
N GLU A 233 -3.94 10.34 5.60
CA GLU A 233 -3.49 9.43 4.58
C GLU A 233 -4.68 8.87 3.83
N THR A 234 -4.51 8.79 2.51
CA THR A 234 -5.50 8.13 1.68
C THR A 234 -5.67 6.69 2.15
N ARG A 235 -6.91 6.27 2.30
CA ARG A 235 -7.24 5.01 2.95
C ARG A 235 -8.20 4.16 2.11
N PRO A 236 -8.01 2.83 2.09
CA PRO A 236 -8.87 1.97 1.27
C PRO A 236 -10.26 1.75 1.88
N ALA A 237 -11.31 1.78 1.06
CA ALA A 237 -12.64 1.52 1.61
C ALA A 237 -12.99 0.02 1.73
N GLY A 238 -12.34 -0.81 0.93
CA GLY A 238 -12.64 -2.23 0.84
C GLY A 238 -13.50 -2.68 -0.33
N ASP A 239 -13.85 -1.72 -1.19
CA ASP A 239 -14.62 -1.99 -2.40
C ASP A 239 -13.86 -1.60 -3.68
N ARG A 240 -12.53 -1.52 -3.55
CA ARG A 240 -11.53 -1.10 -4.56
C ARG A 240 -11.22 0.39 -4.45
N THR A 241 -12.12 1.16 -3.83
CA THR A 241 -12.01 2.63 -3.86
C THR A 241 -11.32 3.15 -2.62
N PHE A 242 -11.04 4.44 -2.64
CA PHE A 242 -10.27 5.09 -1.57
C PHE A 242 -11.02 6.28 -1.00
N GLN A 243 -10.57 6.73 0.17
CA GLN A 243 -11.15 7.86 0.87
C GLN A 243 -10.05 8.79 1.35
N LYS A 244 -10.34 10.08 1.48
CA LYS A 244 -9.38 11.02 2.03
C LYS A 244 -10.17 12.20 2.55
N TRP A 245 -9.64 12.87 3.57
CA TRP A 245 -10.18 14.17 3.91
C TRP A 245 -9.10 15.15 4.31
N ALA A 246 -9.45 16.42 4.22
CA ALA A 246 -8.58 17.53 4.56
C ALA A 246 -9.36 18.50 5.46
N ALA A 247 -8.74 18.95 6.53
CA ALA A 247 -9.46 19.80 7.47
C ALA A 247 -8.71 21.05 7.87
N VAL A 248 -9.47 22.11 8.10
N VAL A 248 -9.45 22.12 8.10
CA VAL A 248 -8.91 23.38 8.57
CA VAL A 248 -8.90 23.38 8.58
C VAL A 248 -9.80 23.92 9.70
C VAL A 248 -9.79 23.90 9.70
N VAL A 249 -9.16 24.61 10.65
CA VAL A 249 -9.86 25.25 11.75
C VAL A 249 -10.08 26.70 11.39
N VAL A 250 -11.34 27.11 11.43
CA VAL A 250 -11.69 28.43 10.94
C VAL A 250 -12.42 29.21 12.01
N PRO A 251 -12.15 30.52 12.06
CA PRO A 251 -12.90 31.33 13.02
C PRO A 251 -14.38 31.39 12.71
N SER A 252 -15.20 31.39 13.76
CA SER A 252 -16.65 31.45 13.58
C SER A 252 -17.02 32.61 12.72
N GLY A 253 -17.81 32.33 11.70
CA GLY A 253 -18.31 33.35 10.83
C GLY A 253 -17.45 33.63 9.61
N GLU A 254 -16.27 33.03 9.54
CA GLU A 254 -15.38 33.26 8.39
C GLU A 254 -15.40 32.10 7.40
N GLU A 255 -16.37 31.20 7.54
CA GLU A 255 -16.34 29.99 6.73
C GLU A 255 -16.32 30.19 5.23
N GLN A 256 -16.95 31.26 4.74
CA GLN A 256 -17.07 31.44 3.31
C GLN A 256 -15.81 32.00 2.70
N ARG A 257 -14.82 32.28 3.54
CA ARG A 257 -13.51 32.65 3.01
C ARG A 257 -12.72 31.42 2.54
N TYR A 258 -13.20 30.24 2.91
CA TYR A 258 -12.48 29.00 2.66
C TYR A 258 -13.05 28.18 1.52
N THR A 259 -12.15 27.69 0.67
CA THR A 259 -12.57 26.81 -0.42
C THR A 259 -11.73 25.55 -0.42
N CYS A 260 -12.39 24.44 -0.72
CA CYS A 260 -11.72 23.15 -0.88
C CYS A 260 -11.57 22.84 -2.37
N HIS A 261 -10.39 22.40 -2.75
CA HIS A 261 -10.11 22.10 -4.13
C HIS A 261 -9.72 20.64 -4.32
N VAL A 262 -10.29 20.04 -5.35
CA VAL A 262 -10.14 18.62 -5.58
C VAL A 262 -9.72 18.34 -7.00
N GLN A 263 -8.60 17.59 -7.14
CA GLN A 263 -8.14 17.13 -8.44
C GLN A 263 -8.03 15.61 -8.41
N HIS A 264 -8.55 14.98 -9.45
CA HIS A 264 -8.56 13.53 -9.57
C HIS A 264 -8.81 13.16 -11.03
N GLU A 265 -8.14 12.09 -11.50
CA GLU A 265 -8.26 11.62 -12.90
C GLU A 265 -9.68 11.34 -13.37
N GLY A 266 -10.56 10.97 -12.44
CA GLY A 266 -11.95 10.63 -12.74
C GLY A 266 -12.86 11.84 -12.98
N LEU A 267 -12.37 13.04 -12.68
CA LEU A 267 -13.18 14.26 -12.76
C LEU A 267 -13.08 14.88 -14.14
N PRO A 268 -14.22 15.32 -14.72
CA PRO A 268 -14.17 16.09 -15.97
C PRO A 268 -13.31 17.34 -15.82
N LYS A 269 -13.49 18.01 -14.69
CA LYS A 269 -12.65 19.15 -14.34
C LYS A 269 -12.51 19.21 -12.82
N PRO A 270 -11.48 19.92 -12.35
CA PRO A 270 -11.27 20.10 -10.91
C PRO A 270 -12.46 20.75 -10.21
N LEU A 271 -12.67 20.35 -8.96
CA LEU A 271 -13.78 20.84 -8.17
C LEU A 271 -13.30 21.91 -7.20
N THR A 272 -14.17 22.87 -6.98
CA THR A 272 -14.05 23.81 -5.88
C THR A 272 -15.31 23.68 -5.05
N LEU A 273 -15.14 23.49 -3.75
CA LEU A 273 -16.23 23.31 -2.83
C LEU A 273 -16.19 24.28 -1.66
N ARG A 274 -17.35 24.58 -1.09
CA ARG A 274 -17.46 25.36 0.15
C ARG A 274 -18.40 24.71 1.15
N TRP A 275 -18.33 25.13 2.39
CA TRP A 275 -19.34 24.76 3.39
C TRP A 275 -20.67 25.32 2.91
N GLU A 276 -21.68 24.46 2.86
N GLU A 276 -21.67 24.46 2.85
CA GLU A 276 -23.02 24.81 2.41
CA GLU A 276 -23.01 24.84 2.41
C GLU A 276 -23.99 24.54 3.55
C GLU A 276 -24.00 24.55 3.53
N PRO A 277 -24.13 25.48 4.48
CA PRO A 277 -25.03 25.22 5.62
C PRO A 277 -26.48 25.06 5.14
N MET B 1 18.78 -1.38 14.07
CA MET B 1 17.80 -0.90 13.05
C MET B 1 16.69 -0.02 13.64
N ILE B 2 16.15 0.84 12.80
CA ILE B 2 15.09 1.73 13.23
C ILE B 2 13.75 1.11 12.90
N GLN B 3 12.83 1.25 13.82
CA GLN B 3 11.48 0.71 13.66
C GLN B 3 10.55 1.90 13.49
N ARG B 4 9.40 1.64 12.86
CA ARG B 4 8.41 2.68 12.62
C ARG B 4 7.07 2.29 13.20
N THR B 5 6.44 3.21 13.90
CA THR B 5 5.22 2.90 14.65
C THR B 5 4.02 3.08 13.73
N PRO B 6 2.95 2.30 13.95
CA PRO B 6 1.84 2.41 13.02
C PRO B 6 0.99 3.67 13.15
N LYS B 7 0.55 4.14 11.99
CA LYS B 7 -0.57 5.05 11.87
C LYS B 7 -1.83 4.21 11.88
N ILE B 8 -2.88 4.75 12.47
CA ILE B 8 -4.14 4.05 12.60
C ILE B 8 -5.31 4.94 12.24
N GLN B 9 -6.19 4.47 11.34
CA GLN B 9 -7.47 5.12 11.10
C GLN B 9 -8.62 4.11 11.19
N VAL B 10 -9.72 4.52 11.82
CA VAL B 10 -10.90 3.68 11.96
C VAL B 10 -12.09 4.36 11.26
N TYR B 11 -12.83 3.64 10.43
CA TYR B 11 -13.84 4.30 9.61
C TYR B 11 -14.71 3.24 8.93
N SER B 12 -15.83 3.67 8.33
CA SER B 12 -16.68 2.72 7.64
C SER B 12 -16.51 2.79 6.13
N ARG B 13 -16.85 1.69 5.48
CA ARG B 13 -16.76 1.56 4.03
C ARG B 13 -17.71 2.51 3.34
N HIS B 14 -18.97 2.48 3.78
CA HIS B 14 -20.05 3.31 3.28
C HIS B 14 -20.41 4.36 4.33
N PRO B 15 -21.07 5.45 3.92
CA PRO B 15 -21.51 6.46 4.88
C PRO B 15 -22.34 5.80 6.00
N ALA B 16 -22.05 6.14 7.26
CA ALA B 16 -22.75 5.52 8.39
C ALA B 16 -24.18 5.99 8.51
N GLU B 17 -25.11 5.05 8.60
CA GLU B 17 -26.49 5.39 8.99
C GLU B 17 -26.98 4.33 9.94
N ASN B 18 -27.46 4.81 11.09
CA ASN B 18 -27.83 3.92 12.18
C ASN B 18 -28.85 2.90 11.67
N GLY B 19 -28.66 1.64 12.09
CA GLY B 19 -29.57 0.58 11.73
C GLY B 19 -29.23 -0.13 10.43
N LYS B 20 -28.33 0.46 9.63
CA LYS B 20 -27.98 -0.10 8.31
C LYS B 20 -26.63 -0.84 8.34
N SER B 21 -26.60 -2.09 7.86
CA SER B 21 -25.40 -2.91 7.91
C SER B 21 -24.34 -2.36 6.95
N ASN B 22 -23.09 -2.41 7.38
CA ASN B 22 -22.01 -1.62 6.80
C ASN B 22 -20.76 -2.45 7.10
N PHE B 23 -19.56 -1.89 6.84
CA PHE B 23 -18.31 -2.58 7.16
C PHE B 23 -17.47 -1.61 7.96
N LEU B 24 -16.93 -2.12 9.05
CA LEU B 24 -16.00 -1.37 9.88
C LEU B 24 -14.56 -1.68 9.51
N ASN B 25 -13.80 -0.62 9.22
CA ASN B 25 -12.42 -0.70 8.79
C ASN B 25 -11.44 -0.18 9.82
N CYS B 26 -10.34 -0.89 10.01
CA CYS B 26 -9.20 -0.37 10.74
C CYS B 26 -7.98 -0.48 9.83
N TYR B 27 -7.49 0.65 9.36
CA TYR B 27 -6.34 0.72 8.45
C TYR B 27 -5.10 1.07 9.26
N VAL B 28 -4.13 0.17 9.30
CA VAL B 28 -2.86 0.41 9.97
C VAL B 28 -1.79 0.52 8.88
N SER B 29 -0.93 1.52 9.00
CA SER B 29 0.02 1.78 7.94
C SER B 29 1.27 2.42 8.48
N GLY B 30 2.29 2.53 7.64
CA GLY B 30 3.50 3.22 8.03
C GLY B 30 4.39 2.52 9.03
N PHE B 31 4.17 1.22 9.25
CA PHE B 31 4.91 0.54 10.34
C PHE B 31 6.00 -0.37 9.82
N HIS B 32 6.96 -0.69 10.68
CA HIS B 32 8.09 -1.55 10.34
C HIS B 32 8.71 -1.94 11.66
N PRO B 33 8.92 -3.26 11.89
CA PRO B 33 8.68 -4.39 11.00
C PRO B 33 7.20 -4.75 10.86
N SER B 34 6.94 -5.85 10.15
CA SER B 34 5.60 -6.11 9.66
C SER B 34 4.69 -6.78 10.69
N ASP B 35 5.25 -7.40 11.72
CA ASP B 35 4.42 -8.05 12.72
C ASP B 35 3.55 -7.03 13.45
N ILE B 36 2.27 -7.30 13.54
CA ILE B 36 1.39 -6.37 14.19
C ILE B 36 0.14 -7.11 14.65
N GLU B 37 -0.46 -6.64 15.75
CA GLU B 37 -1.67 -7.24 16.30
C GLU B 37 -2.79 -6.21 16.24
N VAL B 38 -3.90 -6.58 15.61
CA VAL B 38 -5.04 -5.67 15.47
C VAL B 38 -6.31 -6.39 15.84
N ASP B 39 -7.10 -5.71 16.67
CA ASP B 39 -8.40 -6.19 17.08
C ASP B 39 -9.41 -5.11 16.79
N LEU B 40 -10.58 -5.51 16.30
CA LEU B 40 -11.72 -4.59 16.25
C LEU B 40 -12.61 -4.89 17.45
N LEU B 41 -13.11 -3.84 18.10
CA LEU B 41 -13.88 -3.94 19.34
C LEU B 41 -15.29 -3.40 19.18
N LYS B 42 -16.23 -4.08 19.82
CA LYS B 42 -17.61 -3.63 19.94
C LYS B 42 -17.95 -3.55 21.43
N ASN B 43 -18.14 -2.32 21.91
CA ASN B 43 -18.39 -2.09 23.33
C ASN B 43 -17.32 -2.76 24.17
N GLY B 44 -16.07 -2.57 23.74
CA GLY B 44 -14.89 -3.00 24.47
C GLY B 44 -14.46 -4.44 24.28
N GLU B 45 -15.28 -5.23 23.59
CA GLU B 45 -15.02 -6.67 23.46
C GLU B 45 -14.57 -7.02 22.03
N ARG B 46 -13.69 -8.00 21.91
CA ARG B 46 -13.10 -8.32 20.62
C ARG B 46 -14.11 -8.98 19.68
N ILE B 47 -14.22 -8.45 18.46
CA ILE B 47 -15.03 -9.07 17.40
C ILE B 47 -14.29 -10.29 16.82
N GLU B 48 -15.00 -11.42 16.66
CA GLU B 48 -14.34 -12.65 16.24
C GLU B 48 -14.14 -12.82 14.73
N LYS B 49 -15.06 -12.33 13.91
CA LYS B 49 -15.00 -12.72 12.50
C LYS B 49 -14.29 -11.67 11.65
N VAL B 50 -13.06 -11.33 12.01
CA VAL B 50 -12.34 -10.23 11.36
C VAL B 50 -11.34 -10.74 10.32
N GLU B 51 -11.47 -10.24 9.10
CA GLU B 51 -10.55 -10.56 8.03
C GLU B 51 -9.56 -9.41 7.88
N HIS B 52 -8.46 -9.67 7.19
CA HIS B 52 -7.56 -8.60 6.80
C HIS B 52 -6.97 -8.80 5.41
N SER B 53 -6.52 -7.70 4.85
CA SER B 53 -5.91 -7.70 3.54
C SER B 53 -4.57 -8.47 3.56
N ASP B 54 -4.01 -8.70 2.38
CA ASP B 54 -2.70 -9.35 2.28
C ASP B 54 -1.62 -8.34 2.61
N LEU B 55 -0.61 -8.75 3.38
CA LEU B 55 0.46 -7.83 3.70
C LEU B 55 1.07 -7.22 2.44
N SER B 56 1.11 -5.89 2.37
N SER B 56 1.20 -5.90 2.45
CA SER B 56 1.93 -5.22 1.35
CA SER B 56 1.87 -5.20 1.39
C SER B 56 2.59 -4.00 1.97
C SER B 56 2.54 -3.96 1.96
N PHE B 57 3.28 -3.24 1.12
CA PHE B 57 4.02 -2.10 1.58
C PHE B 57 4.04 -0.99 0.56
N SER B 58 4.29 0.19 1.11
CA SER B 58 4.35 1.44 0.37
C SER B 58 5.74 1.71 -0.20
N LYS B 59 5.84 2.80 -0.99
CA LYS B 59 7.10 3.18 -1.63
C LYS B 59 8.21 3.40 -0.65
N ASP B 60 7.87 3.84 0.57
CA ASP B 60 8.88 4.09 1.60
C ASP B 60 9.21 2.84 2.43
N TRP B 61 8.72 1.69 1.94
CA TRP B 61 8.98 0.34 2.49
C TRP B 61 8.14 -0.03 3.71
N SER B 62 7.37 0.93 4.22
CA SER B 62 6.56 0.66 5.39
C SER B 62 5.36 -0.17 4.99
N PHE B 63 4.90 -0.97 5.94
CA PHE B 63 3.83 -1.93 5.70
C PHE B 63 2.48 -1.33 5.97
N TYR B 64 1.44 -1.95 5.39
CA TYR B 64 0.07 -1.57 5.68
C TYR B 64 -0.88 -2.76 5.53
N LEU B 65 -1.95 -2.74 6.32
CA LEU B 65 -2.98 -3.76 6.39
C LEU B 65 -4.31 -3.10 6.64
N LEU B 66 -5.36 -3.71 6.08
CA LEU B 66 -6.72 -3.31 6.35
C LEU B 66 -7.43 -4.46 7.04
N TYR B 67 -7.93 -4.17 8.24
CA TYR B 67 -8.76 -5.09 8.99
C TYR B 67 -10.21 -4.66 8.83
N TYR B 68 -11.13 -5.61 8.66
CA TYR B 68 -12.51 -5.23 8.39
C TYR B 68 -13.50 -6.31 8.80
N THR B 69 -14.67 -5.85 9.26
N THR B 69 -14.71 -5.86 9.13
CA THR B 69 -15.82 -6.72 9.54
CA THR B 69 -15.79 -6.76 9.54
C THR B 69 -17.10 -6.06 9.18
C THR B 69 -17.11 -6.07 9.35
N GLU B 70 -18.17 -6.86 9.17
CA GLU B 70 -19.52 -6.35 9.09
C GLU B 70 -19.89 -5.72 10.42
N PHE B 71 -20.61 -4.61 10.37
CA PHE B 71 -21.18 -4.04 11.59
C PHE B 71 -22.39 -3.21 11.21
N THR B 72 -23.22 -2.97 12.21
CA THR B 72 -24.42 -2.17 12.04
C THR B 72 -24.36 -1.04 13.05
N PRO B 73 -23.92 0.16 12.61
CA PRO B 73 -23.83 1.26 13.58
C PRO B 73 -25.17 1.61 14.20
N THR B 74 -25.11 2.05 15.44
CA THR B 74 -26.25 2.54 16.19
C THR B 74 -25.81 3.80 16.93
N GLU B 75 -26.74 4.47 17.59
CA GLU B 75 -26.38 5.67 18.33
C GLU B 75 -25.50 5.34 19.54
N LYS B 76 -25.77 4.21 20.19
CA LYS B 76 -25.14 3.87 21.46
C LYS B 76 -23.91 2.96 21.36
N ASP B 77 -23.89 2.03 20.40
CA ASP B 77 -22.80 1.06 20.34
C ASP B 77 -21.51 1.79 20.01
N GLU B 78 -20.46 1.45 20.75
CA GLU B 78 -19.12 1.99 20.57
C GLU B 78 -18.22 0.98 19.87
N TYR B 79 -17.51 1.45 18.84
CA TYR B 79 -16.56 0.60 18.14
C TYR B 79 -15.18 1.23 18.22
N ALA B 80 -14.17 0.39 18.15
CA ALA B 80 -12.80 0.86 18.22
C ALA B 80 -11.85 -0.13 17.55
N CYS B 81 -10.61 0.31 17.36
CA CYS B 81 -9.55 -0.54 16.83
C CYS B 81 -8.44 -0.54 17.89
N ARG B 82 -7.95 -1.73 18.24
CA ARG B 82 -6.85 -1.90 19.20
C ARG B 82 -5.63 -2.50 18.53
N VAL B 83 -4.51 -1.81 18.63
CA VAL B 83 -3.33 -2.14 17.88
C VAL B 83 -2.14 -2.32 18.79
N ASN B 84 -1.39 -3.40 18.58
CA ASN B 84 -0.10 -3.54 19.27
C ASN B 84 0.99 -3.83 18.26
N HIS B 85 2.17 -3.31 18.57
CA HIS B 85 3.32 -3.40 17.69
C HIS B 85 4.56 -3.30 18.59
N VAL B 86 5.70 -3.74 18.09
CA VAL B 86 6.92 -3.76 18.90
C VAL B 86 7.28 -2.32 19.36
N THR B 87 6.91 -1.32 18.57
CA THR B 87 7.19 0.07 18.90
C THR B 87 6.30 0.68 19.99
N LEU B 88 5.24 -0.02 20.38
CA LEU B 88 4.30 0.46 21.40
C LEU B 88 4.47 -0.30 22.71
N SER B 89 4.55 0.42 23.82
CA SER B 89 4.73 -0.26 25.10
C SER B 89 3.42 -0.89 25.57
N GLN B 90 2.30 -0.29 25.18
CA GLN B 90 0.99 -0.85 25.43
C GLN B 90 0.13 -0.74 24.19
N PRO B 91 -0.97 -1.50 24.13
CA PRO B 91 -1.84 -1.35 22.96
C PRO B 91 -2.41 0.05 22.83
N LYS B 92 -2.60 0.44 21.59
CA LYS B 92 -3.18 1.73 21.30
C LYS B 92 -4.60 1.50 20.79
N ILE B 93 -5.55 2.19 21.40
CA ILE B 93 -6.96 2.08 21.00
C ILE B 93 -7.43 3.36 20.36
N VAL B 94 -7.97 3.25 19.15
CA VAL B 94 -8.54 4.39 18.43
C VAL B 94 -10.04 4.14 18.27
N LYS B 95 -10.84 5.09 18.72
CA LYS B 95 -12.30 4.97 18.68
C LYS B 95 -12.82 5.32 17.31
N TRP B 96 -13.83 4.58 16.87
CA TRP B 96 -14.55 4.94 15.67
C TRP B 96 -15.41 6.17 15.91
N ASP B 97 -15.22 7.13 15.03
CA ASP B 97 -15.94 8.40 15.08
C ASP B 97 -16.42 8.65 13.67
N ARG B 98 -17.73 8.64 13.48
CA ARG B 98 -18.26 8.67 12.13
C ARG B 98 -17.96 9.98 11.42
N ASP B 99 -17.49 10.98 12.17
CA ASP B 99 -17.10 12.25 11.58
C ASP B 99 -15.67 12.28 11.06
N MET B 100 -14.93 11.17 11.18
CA MET B 100 -13.55 11.17 10.70
C MET B 100 -13.18 9.95 9.84
N ALA C 1 3.10 -10.72 -15.26
CA ALA C 1 3.88 -11.93 -14.89
C ALA C 1 5.24 -11.58 -14.34
N GLN C 2 5.71 -12.40 -13.40
CA GLN C 2 7.00 -12.14 -12.74
C GLN C 2 8.20 -12.32 -13.61
N ASP C 3 9.31 -11.67 -13.22
CA ASP C 3 10.60 -12.07 -13.75
C ASP C 3 11.04 -13.38 -13.08
N ILE C 4 11.92 -14.13 -13.74
CA ILE C 4 12.43 -15.36 -13.13
C ILE C 4 13.50 -15.09 -12.11
N TYR C 5 13.69 -16.02 -11.18
CA TYR C 5 14.86 -15.97 -10.33
C TYR C 5 16.15 -16.24 -11.09
N ARG C 6 17.18 -15.42 -10.84
CA ARG C 6 18.51 -15.67 -11.38
C ARG C 6 19.64 -15.55 -10.38
N ALA C 7 19.56 -14.63 -9.41
CA ALA C 7 20.71 -14.31 -8.55
C ALA C 7 20.25 -13.95 -7.14
N SER C 8 20.92 -14.52 -6.15
N SER C 8 20.89 -14.55 -6.14
CA SER C 8 20.67 -14.17 -4.76
CA SER C 8 20.63 -14.17 -4.76
C SER C 8 21.45 -12.89 -4.42
C SER C 8 21.38 -12.87 -4.46
N TYR C 9 21.08 -12.25 -3.32
CA TYR C 9 21.81 -11.05 -2.84
C TYR C 9 23.24 -11.37 -2.28
#